data_7SF0
#
_entry.id   7SF0
#
_cell.length_a   52.74
_cell.length_b   139.99
_cell.length_c   76.02
_cell.angle_alpha   90.0
_cell.angle_beta   90.0
_cell.angle_gamma   90.0
#
_symmetry.space_group_name_H-M   'C 2 2 21'
#
loop_
_entity.id
_entity.type
_entity.pdbx_description
1 polymer 'DNA repair NTP-phosphohydrolase'
2 non-polymer "7N-METHYL-8-HYDROGUANOSINE-5'-DIPHOSPHATE"
3 non-polymer 'SODIUM ION'
4 non-polymer 'MAGNESIUM ION'
5 water water
#
_entity_poly.entity_id   1
_entity_poly.type   'polypeptide(L)'
_entity_poly.pdbx_seq_one_letter_code
;MGITMDEEVIFETPRELISIKRIKDIPRSKDTHVFAACITSDGYPLIGARRTSFAFQAILSQQNSDSIFRVSTKLLRFMY
YNELREIFRRLRKGSINNIDPHFEELILLGGKLDKKESIKDCLRRELKEESDERITVKEFGNVILKLTTRDKLFNKVYIG
YCMACFINQSLEDLSHTSIYNVEIRKIKSLNDCINDDKYEYLSYIYNMLVNSKLEHHHHHH
;
_entity_poly.pdbx_strand_id   A
#
# COMPACT_ATOMS: atom_id res chain seq x y z
N THR A 4 -1.37 22.51 -5.89
CA THR A 4 -1.52 23.03 -7.25
C THR A 4 -0.87 22.10 -8.27
N MET A 5 -0.93 22.48 -9.54
CA MET A 5 -0.29 21.71 -10.61
C MET A 5 1.23 21.81 -10.50
N ASP A 6 1.69 22.82 -9.77
CA ASP A 6 3.13 23.08 -9.63
C ASP A 6 3.77 22.28 -8.50
N GLU A 7 3.11 22.27 -7.36
CA GLU A 7 3.71 21.93 -6.07
C GLU A 7 4.19 20.48 -5.87
N GLU A 8 5.41 20.35 -5.34
CA GLU A 8 5.94 19.05 -4.95
C GLU A 8 6.09 19.02 -3.43
N VAL A 9 5.57 17.97 -2.79
CA VAL A 9 5.63 17.91 -1.35
C VAL A 9 6.35 16.64 -0.88
N ILE A 10 7.34 16.81 -0.02
CA ILE A 10 8.14 15.68 0.46
C ILE A 10 7.83 15.36 1.91
N PHE A 11 7.39 14.12 2.16
CA PHE A 11 7.14 13.62 3.51
C PHE A 11 8.23 12.68 3.96
N GLU A 12 8.48 12.65 5.27
CA GLU A 12 9.43 11.69 5.81
C GLU A 12 8.79 10.91 6.95
N THR A 13 9.07 9.61 6.96
CA THR A 13 8.65 8.72 8.04
C THR A 13 9.90 8.01 8.53
N PRO A 14 9.80 7.19 9.61
CA PRO A 14 11.00 6.44 10.00
C PRO A 14 11.48 5.48 8.92
N ARG A 15 10.63 5.14 7.96
CA ARG A 15 10.97 4.14 6.96
C ARG A 15 11.05 4.67 5.54
N GLU A 16 10.35 5.76 5.26
CA GLU A 16 10.21 6.25 3.90
C GLU A 16 10.40 7.75 3.78
N LEU A 17 10.85 8.16 2.59
CA LEU A 17 10.72 9.53 2.14
C LEU A 17 9.86 9.49 0.89
N ILE A 18 8.82 10.31 0.80
CA ILE A 18 8.00 10.26 -0.39
C ILE A 18 7.70 11.65 -0.95
N SER A 19 7.96 11.81 -2.23
CA SER A 19 7.62 13.01 -2.99
C SER A 19 6.29 12.82 -3.67
N ILE A 20 5.41 13.80 -3.53
CA ILE A 20 4.10 13.78 -4.14
C ILE A 20 3.95 15.03 -4.99
N LYS A 21 3.73 14.83 -6.29
CA LYS A 21 3.69 15.97 -7.22
C LYS A 21 2.53 15.84 -8.19
N ARG A 22 1.73 16.89 -8.34
CA ARG A 22 0.64 16.85 -9.30
C ARG A 22 1.17 16.92 -10.72
N ILE A 23 0.72 16.01 -11.58
CA ILE A 23 1.12 16.01 -12.99
C ILE A 23 -0.11 15.94 -13.88
N LYS A 24 0.10 16.01 -15.20
CA LYS A 24 -1.02 16.07 -16.14
C LYS A 24 -1.35 14.73 -16.78
N ASP A 25 -0.32 13.99 -17.20
CA ASP A 25 -0.52 12.71 -17.87
C ASP A 25 0.40 11.62 -17.33
N ILE A 26 -0.11 10.40 -17.28
CA ILE A 26 0.67 9.25 -16.82
C ILE A 26 1.46 8.62 -17.98
N PRO A 27 2.79 8.59 -17.84
CA PRO A 27 3.66 8.06 -18.89
C PRO A 27 3.53 6.55 -19.08
N ARG A 28 2.60 6.17 -19.95
CA ARG A 28 2.35 4.79 -20.33
C ARG A 28 3.61 4.02 -20.70
N SER A 29 3.93 2.95 -19.98
CA SER A 29 5.10 2.13 -20.31
C SER A 29 5.23 0.82 -19.50
N LYS A 30 6.42 0.25 -19.59
CA LYS A 30 6.78 -1.08 -19.09
C LYS A 30 6.52 -1.33 -17.60
N ASP A 31 6.84 -0.35 -16.77
CA ASP A 31 6.89 -0.56 -15.32
C ASP A 31 5.93 0.33 -14.55
N THR A 32 4.86 0.77 -15.19
CA THR A 32 3.96 1.75 -14.59
C THR A 32 3.01 1.15 -13.52
N HIS A 33 3.13 1.63 -12.27
CA HIS A 33 2.13 1.38 -11.23
C HIS A 33 1.07 2.45 -11.18
N VAL A 34 -0.19 2.04 -11.22
CA VAL A 34 -1.28 2.96 -10.96
C VAL A 34 -1.99 2.56 -9.66
N PHE A 35 -2.02 3.51 -8.72
CA PHE A 35 -2.71 3.41 -7.44
C PHE A 35 -4.07 4.08 -7.50
N ALA A 36 -5.03 3.44 -6.85
CA ALA A 36 -6.37 3.97 -6.68
C ALA A 36 -6.57 4.47 -5.26
N ALA A 37 -6.80 5.77 -5.12
CA ALA A 37 -7.27 6.31 -3.85
C ALA A 37 -8.79 6.24 -3.84
N CYS A 38 -9.32 5.23 -3.15
CA CYS A 38 -10.76 4.94 -3.21
C CYS A 38 -11.54 5.66 -2.12
N ILE A 39 -12.62 6.31 -2.53
CA ILE A 39 -13.59 6.87 -1.61
C ILE A 39 -14.89 6.10 -1.72
N THR A 40 -15.39 5.60 -0.59
CA THR A 40 -16.61 4.81 -0.58
C THR A 40 -17.82 5.69 -0.90
N SER A 41 -18.98 5.05 -1.10
CA SER A 41 -20.22 5.77 -1.35
C SER A 41 -20.54 6.72 -0.21
N ASP A 42 -20.31 6.28 1.03
CA ASP A 42 -20.58 7.10 2.20
C ASP A 42 -19.37 7.94 2.61
N GLY A 43 -18.43 8.14 1.68
CA GLY A 43 -17.40 9.15 1.83
C GLY A 43 -16.16 8.82 2.66
N TYR A 44 -15.82 7.53 2.77
CA TYR A 44 -14.63 7.13 3.52
C TYR A 44 -13.46 6.80 2.60
N PRO A 45 -12.25 7.25 2.97
CA PRO A 45 -11.06 6.88 2.20
C PRO A 45 -10.62 5.46 2.56
N LEU A 46 -10.23 4.69 1.55
CA LEU A 46 -9.85 3.30 1.78
C LEU A 46 -8.34 3.10 1.78
N ILE A 47 -7.90 2.07 2.49
CA ILE A 47 -6.50 1.69 2.49
C ILE A 47 -6.42 0.17 2.63
N GLY A 48 -5.42 -0.43 2.01
CA GLY A 48 -5.21 -1.86 2.12
C GLY A 48 -4.10 -2.16 3.10
N ALA A 49 -4.19 -3.32 3.75
CA ALA A 49 -3.10 -3.88 4.51
C ALA A 49 -2.50 -4.97 3.63
N ARG A 50 -1.24 -4.78 3.23
CA ARG A 50 -0.58 -5.73 2.34
C ARG A 50 -0.52 -7.10 3.01
N ARG A 51 -0.73 -8.16 2.24
CA ARG A 51 -0.71 -9.53 2.77
C ARG A 51 0.66 -9.85 3.37
N THR A 52 1.71 -9.56 2.61
CA THR A 52 3.08 -9.75 3.05
C THR A 52 3.71 -8.40 3.31
N SER A 53 4.36 -8.23 4.46
CA SER A 53 5.04 -6.98 4.74
C SER A 53 6.23 -6.78 3.79
N PHE A 54 6.64 -5.52 3.59
CA PHE A 54 7.84 -5.25 2.80
C PHE A 54 9.07 -5.87 3.48
N ALA A 55 9.10 -5.78 4.81
CA ALA A 55 10.22 -6.30 5.58
C ALA A 55 10.40 -7.80 5.39
N PHE A 56 9.30 -8.55 5.47
CA PHE A 56 9.38 -10.01 5.37
C PHE A 56 9.70 -10.47 3.95
N GLN A 57 9.17 -9.76 2.97
CA GLN A 57 9.49 -10.02 1.56
C GLN A 57 10.99 -9.86 1.34
N ALA A 58 11.53 -8.73 1.80
CA ALA A 58 12.96 -8.48 1.69
C ALA A 58 13.78 -9.56 2.40
N ILE A 59 13.40 -9.86 3.63
CA ILE A 59 14.08 -10.87 4.43
C ILE A 59 14.14 -12.21 3.71
N LEU A 60 13.00 -12.67 3.20
CA LEU A 60 12.95 -13.91 2.44
C LEU A 60 13.86 -13.85 1.23
N SER A 61 13.90 -12.70 0.56
CA SER A 61 14.74 -12.58 -0.63
C SER A 61 16.23 -12.53 -0.28
N GLN A 62 16.54 -12.30 0.99
CA GLN A 62 17.94 -12.23 1.40
C GLN A 62 18.54 -13.58 1.82
N GLN A 63 17.74 -14.63 1.85
CA GLN A 63 18.23 -15.93 2.30
C GLN A 63 18.97 -16.66 1.18
N ASN A 64 19.90 -17.53 1.56
CA ASN A 64 20.72 -18.22 0.57
C ASN A 64 21.31 -19.53 1.07
N SER A 65 20.66 -20.13 2.06
CA SER A 65 21.20 -21.34 2.65
C SER A 65 20.12 -22.19 3.30
N ASP A 66 20.30 -23.50 3.18
CA ASP A 66 19.43 -24.49 3.79
C ASP A 66 19.47 -24.43 5.32
N SER A 67 20.63 -24.11 5.87
CA SER A 67 20.89 -24.28 7.29
C SER A 67 21.15 -22.97 8.01
N ILE A 68 20.97 -21.87 7.29
CA ILE A 68 21.24 -20.54 7.82
C ILE A 68 20.08 -19.60 7.52
N PHE A 69 19.49 -19.01 8.56
CA PHE A 69 18.47 -17.98 8.34
C PHE A 69 18.93 -16.67 8.96
N ARG A 70 18.72 -15.60 8.21
CA ARG A 70 19.40 -14.35 8.44
C ARG A 70 18.38 -13.20 8.56
N VAL A 71 18.41 -12.45 9.66
CA VAL A 71 17.41 -11.38 9.84
C VAL A 71 17.89 -10.19 10.68
N SER A 72 17.75 -8.99 10.11
CA SER A 72 18.03 -7.78 10.87
C SER A 72 16.97 -7.56 11.93
N THR A 73 17.40 -7.39 13.18
CA THR A 73 16.47 -7.22 14.29
C THR A 73 15.63 -5.94 14.15
N LYS A 74 16.17 -4.92 13.50
CA LYS A 74 15.45 -3.66 13.28
C LYS A 74 14.17 -3.87 12.49
N LEU A 75 14.17 -4.86 11.60
CA LEU A 75 13.01 -5.16 10.80
C LEU A 75 11.89 -5.87 11.58
N LEU A 76 12.18 -6.35 12.79
CA LEU A 76 11.19 -7.13 13.54
C LEU A 76 9.91 -6.32 13.83
N ARG A 77 10.06 -5.03 14.09
CA ARG A 77 8.91 -4.18 14.39
C ARG A 77 8.08 -3.85 13.15
N PHE A 78 8.53 -4.27 11.97
CA PHE A 78 7.78 -4.02 10.74
C PHE A 78 7.26 -5.30 10.08
N MET A 79 6.90 -6.29 10.89
CA MET A 79 6.37 -7.52 10.35
C MET A 79 5.09 -7.97 11.04
N TYR A 80 4.28 -8.74 10.33
CA TYR A 80 3.07 -9.31 10.89
C TYR A 80 3.36 -10.49 11.81
N TYR A 81 2.37 -10.79 12.66
CA TYR A 81 2.38 -11.93 13.58
C TYR A 81 2.78 -13.26 12.93
N ASN A 82 2.15 -13.60 11.81
CA ASN A 82 2.41 -14.87 11.14
C ASN A 82 3.83 -14.96 10.59
N GLU A 83 4.40 -13.81 10.23
CA GLU A 83 5.74 -13.73 9.70
C GLU A 83 6.77 -13.97 10.81
N LEU A 84 6.58 -13.32 11.95
CA LEU A 84 7.45 -13.52 13.10
C LEU A 84 7.40 -14.98 13.54
N ARG A 85 6.19 -15.54 13.57
CA ARG A 85 6.03 -16.96 13.90
C ARG A 85 6.80 -17.86 12.94
N GLU A 86 6.72 -17.56 11.65
CA GLU A 86 7.46 -18.35 10.66
C GLU A 86 8.98 -18.27 10.86
N ILE A 87 9.48 -17.08 11.18
CA ILE A 87 10.92 -16.94 11.42
C ILE A 87 11.38 -17.76 12.63
N PHE A 88 10.62 -17.69 13.72
CA PHE A 88 11.14 -18.28 14.96
C PHE A 88 10.52 -19.62 15.33
N ARG A 89 9.82 -20.25 14.38
CA ARG A 89 9.06 -21.46 14.66
C ARG A 89 9.93 -22.67 15.04
N ARG A 90 11.16 -22.71 14.54
CA ARG A 90 12.04 -23.84 14.85
C ARG A 90 12.90 -23.58 16.08
N LEU A 91 13.43 -22.37 16.19
CA LEU A 91 14.31 -22.01 17.29
C LEU A 91 13.55 -21.92 18.62
N ARG A 92 12.37 -21.31 18.58
CA ARG A 92 11.49 -21.17 19.73
C ARG A 92 12.21 -20.77 21.01
N LYS A 93 12.79 -19.58 21.04
CA LYS A 93 13.39 -19.12 22.29
C LYS A 93 12.29 -18.57 23.19
N GLY A 94 12.65 -18.16 24.40
CA GLY A 94 11.65 -17.77 25.40
C GLY A 94 10.78 -16.60 24.97
N SER A 95 11.38 -15.65 24.28
CA SER A 95 10.66 -14.46 23.83
C SER A 95 11.49 -13.72 22.82
N ILE A 96 10.89 -12.73 22.17
CA ILE A 96 11.63 -11.88 21.25
C ILE A 96 11.34 -10.41 21.55
N ASN A 97 12.29 -9.54 21.18
CA ASN A 97 12.17 -8.12 21.42
C ASN A 97 11.90 -7.35 20.13
N ASN A 98 11.59 -6.06 20.27
CA ASN A 98 11.36 -5.16 19.14
C ASN A 98 10.19 -5.55 18.26
N ILE A 99 9.09 -5.99 18.87
CA ILE A 99 7.89 -6.35 18.12
C ILE A 99 6.82 -5.26 18.24
N ASP A 100 6.10 -5.00 17.14
CA ASP A 100 4.94 -4.10 17.18
C ASP A 100 3.70 -4.88 16.82
N PRO A 101 2.89 -5.23 17.84
CA PRO A 101 1.69 -6.04 17.62
C PRO A 101 0.60 -5.28 16.85
N HIS A 102 0.74 -3.97 16.72
CA HIS A 102 -0.22 -3.20 15.94
C HIS A 102 0.26 -2.98 14.51
N PHE A 103 1.39 -3.57 14.14
CA PHE A 103 1.91 -3.33 12.78
C PHE A 103 0.93 -3.76 11.70
N GLU A 104 0.81 -2.93 10.67
CA GLU A 104 0.20 -3.34 9.40
C GLU A 104 0.86 -2.58 8.24
N GLU A 105 0.93 -3.22 7.07
CA GLU A 105 1.62 -2.61 5.94
C GLU A 105 0.61 -1.86 5.07
N LEU A 106 0.40 -0.59 5.35
CA LEU A 106 -0.63 0.17 4.64
C LEU A 106 -0.21 0.49 3.22
N ILE A 107 -1.10 0.18 2.27
CA ILE A 107 -0.84 0.47 0.86
C ILE A 107 -2.11 0.92 0.15
N LEU A 108 -1.95 1.82 -0.81
CA LEU A 108 -3.05 2.13 -1.72
C LEU A 108 -3.28 0.94 -2.62
N LEU A 109 -4.55 0.64 -2.92
CA LEU A 109 -4.85 -0.44 -3.84
C LEU A 109 -4.37 -0.06 -5.23
N GLY A 110 -4.17 -1.03 -6.10
CA GLY A 110 -3.72 -0.73 -7.45
C GLY A 110 -2.58 -1.61 -7.90
N GLY A 111 -2.13 -1.46 -9.14
CA GLY A 111 -1.11 -2.36 -9.66
C GLY A 111 -0.47 -1.98 -10.99
N LYS A 112 0.20 -2.96 -11.61
CA LYS A 112 0.90 -2.83 -12.90
C LYS A 112 -0.04 -2.45 -14.06
N LEU A 113 0.37 -1.47 -14.86
CA LEU A 113 -0.31 -1.16 -16.11
C LEU A 113 0.12 -2.16 -17.19
N ASP A 114 -0.85 -2.90 -17.74
CA ASP A 114 -0.55 -3.88 -18.78
C ASP A 114 -0.47 -3.26 -20.17
N LYS A 115 0.14 -3.99 -21.10
CA LYS A 115 0.45 -3.49 -22.44
C LYS A 115 -0.75 -2.90 -23.20
N LYS A 116 -1.78 -3.70 -23.39
CA LYS A 116 -2.94 -3.27 -24.17
C LYS A 116 -4.01 -2.63 -23.30
N GLU A 117 -3.59 -1.96 -22.23
CA GLU A 117 -4.52 -1.49 -21.22
C GLU A 117 -4.52 0.02 -21.04
N SER A 118 -5.71 0.60 -20.95
CA SER A 118 -5.87 1.99 -20.56
C SER A 118 -5.69 2.13 -19.06
N ILE A 119 -5.50 3.37 -18.59
CA ILE A 119 -5.35 3.64 -17.17
C ILE A 119 -6.58 3.22 -16.37
N LYS A 120 -7.75 3.65 -16.85
CA LYS A 120 -9.00 3.36 -16.15
C LYS A 120 -9.31 1.87 -16.12
N ASP A 121 -9.01 1.17 -17.21
CA ASP A 121 -9.21 -0.27 -17.25
C ASP A 121 -8.29 -0.96 -16.25
N CYS A 122 -7.06 -0.49 -16.17
CA CYS A 122 -6.09 -1.02 -15.22
C CYS A 122 -6.59 -0.85 -13.79
N LEU A 123 -7.02 0.36 -13.46
CA LEU A 123 -7.58 0.63 -12.14
C LEU A 123 -8.76 -0.26 -11.83
N ARG A 124 -9.70 -0.38 -12.76
CA ARG A 124 -10.87 -1.23 -12.57
C ARG A 124 -10.47 -2.69 -12.29
N ARG A 125 -9.59 -3.22 -13.13
CA ARG A 125 -9.17 -4.61 -13.05
C ARG A 125 -8.43 -4.90 -11.75
N GLU A 126 -7.47 -4.05 -11.41
CA GLU A 126 -6.67 -4.25 -10.21
C GLU A 126 -7.52 -4.12 -8.95
N LEU A 127 -8.44 -3.16 -8.93
CA LEU A 127 -9.34 -3.01 -7.80
C LEU A 127 -10.20 -4.27 -7.65
N LYS A 128 -10.60 -4.83 -8.79
CA LYS A 128 -11.35 -6.08 -8.80
C LYS A 128 -10.54 -7.22 -8.18
N GLU A 129 -9.33 -7.42 -8.67
CA GLU A 129 -8.48 -8.52 -8.21
C GLU A 129 -8.15 -8.41 -6.73
N GLU A 130 -7.87 -7.20 -6.26
CA GLU A 130 -7.40 -7.01 -4.89
C GLU A 130 -8.52 -6.94 -3.85
N SER A 131 -9.77 -6.90 -4.29
CA SER A 131 -10.91 -6.84 -3.38
C SER A 131 -11.81 -8.05 -3.49
N ASP A 132 -11.32 -9.09 -4.17
CA ASP A 132 -12.11 -10.29 -4.43
C ASP A 132 -13.42 -9.93 -5.13
N GLU A 133 -13.30 -9.13 -6.19
CA GLU A 133 -14.42 -8.75 -7.06
C GLU A 133 -15.45 -7.85 -6.37
N ARG A 134 -15.08 -7.20 -5.28
CA ARG A 134 -16.07 -6.43 -4.53
C ARG A 134 -15.97 -4.90 -4.71
N ILE A 135 -14.99 -4.43 -5.46
CA ILE A 135 -14.88 -2.99 -5.69
C ILE A 135 -15.15 -2.64 -7.16
N THR A 136 -16.06 -1.69 -7.37
CA THR A 136 -16.33 -1.15 -8.71
C THR A 136 -16.27 0.38 -8.71
N VAL A 137 -15.84 0.96 -9.81
CA VAL A 137 -15.67 2.40 -9.86
C VAL A 137 -16.86 3.12 -10.53
N LYS A 138 -17.48 4.01 -9.77
CA LYS A 138 -18.55 4.84 -10.28
C LYS A 138 -17.97 5.99 -11.11
N GLU A 139 -16.97 6.68 -10.58
CA GLU A 139 -16.35 7.81 -11.26
C GLU A 139 -14.89 8.01 -10.89
N PHE A 140 -14.09 8.39 -11.87
CA PHE A 140 -12.68 8.73 -11.67
C PHE A 140 -12.50 10.23 -11.46
N GLY A 141 -11.58 10.61 -10.59
CA GLY A 141 -11.22 12.01 -10.43
C GLY A 141 -10.36 12.48 -11.59
N ASN A 142 -10.09 13.77 -11.64
CA ASN A 142 -9.29 14.31 -12.74
C ASN A 142 -7.84 14.60 -12.34
N VAL A 143 -7.58 14.65 -11.04
CA VAL A 143 -6.25 14.97 -10.55
C VAL A 143 -5.33 13.74 -10.58
N ILE A 144 -4.16 13.89 -11.19
CA ILE A 144 -3.19 12.81 -11.28
C ILE A 144 -1.94 13.13 -10.46
N LEU A 145 -1.54 12.22 -9.57
CA LEU A 145 -0.35 12.46 -8.75
C LEU A 145 0.79 11.51 -9.09
N LYS A 146 2.02 12.02 -8.99
CA LYS A 146 3.20 11.19 -9.15
C LYS A 146 3.84 11.03 -7.79
N LEU A 147 4.03 9.77 -7.39
CA LEU A 147 4.61 9.41 -6.10
C LEU A 147 6.00 8.82 -6.31
N THR A 148 6.99 9.42 -5.67
CA THR A 148 8.36 8.93 -5.71
C THR A 148 8.79 8.57 -4.30
N THR A 149 9.02 7.28 -4.04
CA THR A 149 9.33 6.81 -2.69
C THR A 149 10.75 6.28 -2.55
N ARG A 150 11.50 6.80 -1.59
CA ARG A 150 12.73 6.17 -1.17
C ARG A 150 12.49 5.37 0.11
N ASP A 151 12.78 4.08 0.06
CA ASP A 151 12.76 3.26 1.25
C ASP A 151 14.10 3.44 1.96
N LYS A 152 14.06 3.96 3.18
CA LYS A 152 15.29 4.29 3.90
C LYS A 152 15.99 3.07 4.45
N LEU A 153 15.25 1.97 4.58
CA LEU A 153 15.78 0.74 5.16
C LEU A 153 16.52 -0.08 4.12
N PHE A 154 16.04 -0.07 2.89
CA PHE A 154 16.60 -0.93 1.85
C PHE A 154 17.33 -0.14 0.76
N ASN A 155 17.27 1.19 0.83
CA ASN A 155 17.88 2.07 -0.16
C ASN A 155 17.43 1.74 -1.59
N LYS A 156 16.11 1.84 -1.80
CA LYS A 156 15.51 1.64 -3.12
C LYS A 156 14.56 2.79 -3.40
N VAL A 157 14.46 3.19 -4.67
CA VAL A 157 13.49 4.21 -5.09
C VAL A 157 12.41 3.58 -5.97
N TYR A 158 11.16 3.93 -5.72
CA TYR A 158 10.00 3.44 -6.46
C TYR A 158 9.20 4.60 -7.05
N ILE A 159 8.62 4.39 -8.22
CA ILE A 159 7.74 5.39 -8.84
C ILE A 159 6.33 4.83 -9.01
N GLY A 160 5.33 5.63 -8.70
CA GLY A 160 3.95 5.23 -8.94
C GLY A 160 3.09 6.44 -9.28
N TYR A 161 1.89 6.20 -9.75
CA TYR A 161 0.98 7.29 -10.10
C TYR A 161 -0.37 7.03 -9.47
N CYS A 162 -1.02 8.05 -8.94
CA CYS A 162 -2.25 7.85 -8.20
C CYS A 162 -3.40 8.67 -8.76
N MET A 163 -4.59 8.06 -8.77
CA MET A 163 -5.82 8.77 -9.14
C MET A 163 -6.94 8.49 -8.15
N ALA A 164 -7.91 9.40 -8.09
CA ALA A 164 -9.07 9.21 -7.22
C ALA A 164 -10.10 8.29 -7.87
N CYS A 165 -10.58 7.32 -7.10
CA CYS A 165 -11.64 6.42 -7.54
C CYS A 165 -12.82 6.50 -6.57
N PHE A 166 -13.92 7.07 -7.04
CA PHE A 166 -15.14 7.09 -6.24
C PHE A 166 -15.90 5.82 -6.53
N ILE A 167 -15.95 4.91 -5.55
CA ILE A 167 -16.48 3.57 -5.79
C ILE A 167 -17.95 3.45 -5.40
N ASN A 168 -18.59 2.40 -5.89
CA ASN A 168 -20.00 2.18 -5.65
C ASN A 168 -20.31 1.65 -4.26
N GLN A 169 -19.32 1.01 -3.64
CA GLN A 169 -19.54 0.33 -2.38
C GLN A 169 -19.44 1.26 -1.18
N SER A 170 -20.05 0.84 -0.07
CA SER A 170 -19.95 1.57 1.19
C SER A 170 -18.79 1.01 1.99
N LEU A 171 -18.48 1.65 3.11
CA LEU A 171 -17.42 1.15 3.98
C LEU A 171 -17.77 -0.25 4.51
N GLU A 172 -19.02 -0.40 4.98
CA GLU A 172 -19.46 -1.68 5.54
C GLU A 172 -19.44 -2.79 4.49
N ASP A 173 -19.65 -2.43 3.23
CA ASP A 173 -19.64 -3.38 2.12
C ASP A 173 -18.33 -4.16 2.01
N LEU A 174 -17.24 -3.57 2.52
CA LEU A 174 -15.92 -4.17 2.38
C LEU A 174 -15.31 -4.55 3.73
N SER A 175 -16.06 -4.34 4.80
CA SER A 175 -15.55 -4.56 6.15
C SER A 175 -16.39 -5.52 6.98
N HIS A 176 -16.96 -6.52 6.33
CA HIS A 176 -17.70 -7.57 7.05
C HIS A 176 -17.18 -8.96 6.67
N THR A 177 -16.72 -9.09 5.43
CA THR A 177 -16.10 -10.33 4.98
C THR A 177 -14.61 -10.12 4.75
N SER A 178 -13.81 -11.03 5.29
CA SER A 178 -12.35 -10.90 5.20
C SER A 178 -11.84 -11.11 3.78
N ILE A 179 -10.75 -10.43 3.45
CA ILE A 179 -10.12 -10.54 2.13
C ILE A 179 -9.39 -11.88 2.01
N TYR A 180 -9.37 -12.46 0.81
CA TYR A 180 -8.76 -13.78 0.63
C TYR A 180 -7.60 -13.82 -0.37
N ASN A 181 -7.47 -12.81 -1.22
CA ASN A 181 -6.45 -12.89 -2.27
C ASN A 181 -5.04 -12.74 -1.70
N VAL A 182 -4.04 -13.00 -2.54
CA VAL A 182 -2.65 -13.11 -2.10
C VAL A 182 -1.97 -11.76 -1.89
N GLU A 183 -2.61 -10.68 -2.30
CA GLU A 183 -1.97 -9.37 -2.26
C GLU A 183 -2.38 -8.54 -1.05
N ILE A 184 -3.61 -8.72 -0.60
CA ILE A 184 -4.22 -7.89 0.45
C ILE A 184 -4.82 -8.76 1.55
N ARG A 185 -4.51 -8.45 2.81
CA ARG A 185 -5.10 -9.20 3.91
C ARG A 185 -6.29 -8.46 4.54
N LYS A 186 -6.39 -7.17 4.26
CA LYS A 186 -7.49 -6.37 4.82
C LYS A 186 -7.73 -5.10 4.01
N ILE A 187 -9.00 -4.71 3.88
CA ILE A 187 -9.34 -3.41 3.33
C ILE A 187 -10.09 -2.64 4.42
N LYS A 188 -9.64 -1.41 4.70
CA LYS A 188 -10.24 -0.66 5.81
C LYS A 188 -10.27 0.84 5.58
N SER A 189 -10.90 1.56 6.51
CA SER A 189 -10.91 3.01 6.47
C SER A 189 -9.55 3.55 6.91
N LEU A 190 -8.98 4.44 6.10
CA LEU A 190 -7.69 5.05 6.44
C LEU A 190 -7.81 5.84 7.74
N ASN A 191 -9.01 6.33 8.03
CA ASN A 191 -9.22 7.10 9.25
C ASN A 191 -9.23 6.23 10.52
N ASP A 192 -9.15 4.92 10.36
CA ASP A 192 -8.93 4.04 11.50
C ASP A 192 -7.44 3.71 11.69
N CYS A 193 -6.57 4.47 11.01
CA CYS A 193 -5.14 4.18 11.02
C CYS A 193 -4.30 5.37 11.46
N ILE A 194 -4.87 6.23 12.31
CA ILE A 194 -4.26 7.51 12.68
C ILE A 194 -2.85 7.39 13.26
N ASN A 195 -2.54 6.26 13.88
CA ASN A 195 -1.23 6.10 14.53
C ASN A 195 -0.16 5.47 13.63
N ASP A 196 -0.54 5.13 12.40
CA ASP A 196 0.39 4.51 11.46
C ASP A 196 1.45 5.50 10.98
N ASP A 197 2.67 5.00 10.75
CA ASP A 197 3.76 5.81 10.20
C ASP A 197 3.37 6.50 8.88
N LYS A 198 2.51 5.84 8.11
CA LYS A 198 2.17 6.33 6.78
C LYS A 198 0.94 7.24 6.76
N TYR A 199 0.26 7.37 7.89
CA TYR A 199 -1.02 8.06 7.92
C TYR A 199 -0.98 9.50 7.39
N GLU A 200 0.06 10.25 7.76
CA GLU A 200 0.17 11.65 7.34
C GLU A 200 0.21 11.80 5.82
N TYR A 201 1.11 11.09 5.16
CA TYR A 201 1.25 11.30 3.72
C TYR A 201 0.09 10.66 2.95
N LEU A 202 -0.47 9.56 3.45
CA LEU A 202 -1.63 8.96 2.80
C LEU A 202 -2.85 9.89 2.88
N SER A 203 -3.08 10.43 4.07
CA SER A 203 -4.16 11.40 4.27
C SER A 203 -3.97 12.61 3.37
N TYR A 204 -2.72 13.05 3.25
CA TYR A 204 -2.40 14.15 2.36
C TYR A 204 -2.75 13.82 0.91
N ILE A 205 -2.46 12.59 0.49
CA ILE A 205 -2.78 12.17 -0.87
C ILE A 205 -4.28 12.26 -1.11
N TYR A 206 -5.06 11.74 -0.17
CA TYR A 206 -6.51 11.80 -0.33
C TYR A 206 -7.03 13.23 -0.37
N ASN A 207 -6.56 14.06 0.54
CA ASN A 207 -7.00 15.45 0.60
C ASN A 207 -6.65 16.23 -0.65
N MET A 208 -5.46 15.99 -1.19
CA MET A 208 -5.04 16.63 -2.43
C MET A 208 -5.89 16.16 -3.59
N LEU A 209 -6.27 14.89 -3.59
CA LEU A 209 -7.09 14.36 -4.68
C LEU A 209 -8.52 14.85 -4.64
N VAL A 210 -9.08 15.05 -3.46
CA VAL A 210 -10.49 15.46 -3.36
C VAL A 210 -10.70 16.96 -3.10
N ASN A 211 -9.75 17.63 -2.45
CA ASN A 211 -9.92 19.04 -2.10
C ASN A 211 -9.01 19.97 -2.88
N SER A 212 -9.10 19.93 -4.21
CA SER A 212 -8.29 20.80 -5.05
C SER A 212 -9.12 21.41 -6.18
#